data_4UG1
#
_entry.id   4UG1
#
_cell.length_a   39.186
_cell.length_b   39.186
_cell.length_c   164.561
_cell.angle_alpha   90.00
_cell.angle_beta   90.00
_cell.angle_gamma   120.00
#
_symmetry.space_group_name_H-M   'P 31 2 1'
#
loop_
_entity.id
_entity.type
_entity.pdbx_description
1 polymer 'CELL CYCLE PROTEIN GPSB'
2 non-polymer 'NICKEL (II) ION'
3 non-polymer IMIDAZOLE
4 water water
#
_entity_poly.entity_id   1
_entity_poly.type   'polypeptide(L)'
_entity_poly.pdbx_seq_one_letter_code
;GSHMTSEQFEYHLTGKEILEKEFKTGLRGYSPEDVDEFLDMVIKDYSTFTQEIEALQAENIRLVQELDNAPLRTST
;
_entity_poly.pdbx_strand_id   A,B
#
loop_
_chem_comp.id
_chem_comp.type
_chem_comp.name
_chem_comp.formula
IMD non-polymer IMIDAZOLE 'C3 H5 N2 1'
NI non-polymer 'NICKEL (II) ION' 'Ni 2'
#
# COMPACT_ATOMS: atom_id res chain seq x y z
N GLY A 1 7.27 -29.75 15.50
CA GLY A 1 7.09 -28.63 16.41
C GLY A 1 6.38 -27.47 15.75
N SER A 2 6.68 -26.27 16.25
CA SER A 2 6.02 -25.04 15.82
CA SER A 2 5.98 -25.07 15.81
C SER A 2 6.08 -24.85 14.30
N HIS A 3 4.93 -24.64 13.69
CA HIS A 3 4.88 -24.49 12.24
C HIS A 3 4.28 -23.16 11.84
N MET A 4 5.01 -22.37 11.07
CA MET A 4 4.47 -21.12 10.55
C MET A 4 3.89 -21.29 9.17
N THR A 5 2.80 -20.59 8.91
CA THR A 5 2.29 -20.49 7.57
C THR A 5 3.19 -19.56 6.75
N SER A 6 2.92 -19.49 5.46
CA SER A 6 3.65 -18.60 4.57
C SER A 6 2.68 -18.00 3.55
N GLU A 7 2.61 -16.67 3.53
CA GLU A 7 1.77 -15.97 2.57
C GLU A 7 2.63 -15.12 1.65
N GLN A 8 2.24 -15.03 0.40
CA GLN A 8 3.00 -14.22 -0.56
C GLN A 8 2.11 -13.16 -1.18
N PHE A 9 2.64 -11.94 -1.29
CA PHE A 9 1.90 -10.81 -1.87
C PHE A 9 2.62 -10.34 -3.11
N GLU A 10 1.92 -10.38 -4.25
CA GLU A 10 2.52 -10.04 -5.54
C GLU A 10 2.10 -8.65 -6.00
N TYR A 11 3.09 -7.83 -6.34
CA TYR A 11 2.83 -6.46 -6.80
C TYR A 11 3.25 -6.26 -8.25
N HIS A 12 2.50 -5.41 -8.96
CA HIS A 12 2.75 -5.14 -10.37
C HIS A 12 3.77 -4.04 -10.62
N LEU A 13 3.72 -3.02 -9.78
CA LEU A 13 4.53 -1.83 -10.00
C LEU A 13 5.33 -1.45 -8.75
N THR A 14 6.34 -0.62 -8.96
CA THR A 14 7.05 0.03 -7.89
C THR A 14 6.87 1.53 -8.08
N GLY A 15 7.09 2.30 -7.03
CA GLY A 15 7.03 3.74 -7.15
C GLY A 15 7.97 4.25 -8.23
N LYS A 16 9.14 3.61 -8.33
CA LYS A 16 10.13 3.99 -9.32
C LYS A 16 9.59 3.82 -10.75
N GLU A 17 8.93 2.69 -10.99
CA GLU A 17 8.33 2.45 -12.30
C GLU A 17 7.25 3.47 -12.64
N ILE A 18 6.54 3.93 -11.63
CA ILE A 18 5.52 4.92 -11.89
C ILE A 18 6.15 6.29 -12.16
N LEU A 19 7.19 6.63 -11.39
CA LEU A 19 7.96 7.86 -11.62
C LEU A 19 8.54 7.93 -13.02
N GLU A 20 8.88 6.77 -13.58
CA GLU A 20 9.62 6.73 -14.83
C GLU A 20 8.76 6.40 -16.05
N LYS A 21 7.48 6.15 -15.83
CA LYS A 21 6.59 5.81 -16.93
C LYS A 21 6.36 7.00 -17.86
N GLU A 22 6.53 6.76 -19.16
CA GLU A 22 6.27 7.77 -20.17
C GLU A 22 5.13 7.32 -21.07
N PHE A 23 3.99 7.99 -20.94
CA PHE A 23 2.84 7.65 -21.76
C PHE A 23 2.98 8.16 -23.19
N LYS A 24 2.48 7.37 -24.14
CA LYS A 24 2.33 7.85 -25.51
C LYS A 24 1.25 8.93 -25.56
N THR A 25 1.33 9.81 -26.55
CA THR A 25 0.32 10.83 -26.74
C THR A 25 -0.37 10.67 -28.08
N GLY A 26 -1.63 11.09 -28.15
CA GLY A 26 -2.41 10.96 -29.36
C GLY A 26 -3.27 12.18 -29.57
N LEU A 27 -3.95 12.23 -30.71
CA LEU A 27 -4.69 13.42 -31.14
C LEU A 27 -5.55 14.00 -30.03
N ARG A 28 -6.37 13.15 -29.43
CA ARG A 28 -7.10 13.47 -28.21
C ARG A 28 -6.60 12.50 -27.17
N GLY A 29 -6.51 12.95 -25.93
CA GLY A 29 -6.09 12.06 -24.86
C GLY A 29 -6.37 12.69 -23.52
N TYR A 30 -6.03 11.99 -22.44
CA TYR A 30 -6.18 12.54 -21.11
C TYR A 30 -5.22 13.71 -20.88
N SER A 31 -5.71 14.76 -20.22
CA SER A 31 -4.88 15.90 -19.87
C SER A 31 -3.60 15.47 -19.16
N PRO A 32 -2.43 15.74 -19.76
CA PRO A 32 -1.19 15.31 -19.13
C PRO A 32 -1.01 15.91 -17.73
N GLU A 33 -1.35 17.18 -17.56
CA GLU A 33 -1.21 17.82 -16.26
C GLU A 33 -2.08 17.12 -15.20
N ASP A 34 -3.30 16.78 -15.57
CA ASP A 34 -4.22 16.15 -14.63
C ASP A 34 -3.79 14.74 -14.28
N VAL A 35 -3.32 13.98 -15.27
CA VAL A 35 -2.86 12.63 -15.01
C VAL A 35 -1.61 12.69 -14.13
N ASP A 36 -0.68 13.58 -14.45
CA ASP A 36 0.53 13.75 -13.65
C ASP A 36 0.21 14.08 -12.19
N GLU A 37 -0.72 15.01 -11.98
CA GLU A 37 -1.11 15.39 -10.62
C GLU A 37 -1.66 14.18 -9.87
N PHE A 38 -2.44 13.37 -10.56
CA PHE A 38 -3.03 12.19 -9.95
C PHE A 38 -1.96 11.15 -9.60
N LEU A 39 -1.02 10.90 -10.53
CA LEU A 39 0.04 9.92 -10.29
C LEU A 39 1.00 10.36 -9.19
N ASP A 40 1.16 11.67 -9.02
CA ASP A 40 1.98 12.19 -7.93
C ASP A 40 1.44 11.66 -6.60
N MET A 41 0.12 11.68 -6.44
CA MET A 41 -0.51 11.16 -5.23
C MET A 41 -0.33 9.65 -5.12
N VAL A 42 -0.45 8.95 -6.25
CA VAL A 42 -0.25 7.51 -6.27
C VAL A 42 1.15 7.11 -5.80
N ILE A 43 2.17 7.82 -6.29
CA ILE A 43 3.54 7.54 -5.92
C ILE A 43 3.74 7.77 -4.42
N LYS A 44 3.18 8.87 -3.91
CA LYS A 44 3.20 9.15 -2.48
C LYS A 44 2.57 7.99 -1.70
N ASP A 45 1.44 7.50 -2.17
CA ASP A 45 0.76 6.39 -1.49
C ASP A 45 1.59 5.12 -1.54
N TYR A 46 2.22 4.80 -2.67
CA TYR A 46 3.09 3.62 -2.73
C TYR A 46 4.19 3.72 -1.66
N SER A 47 4.79 4.90 -1.52
CA SER A 47 5.83 5.13 -0.51
C SER A 47 5.27 4.91 0.89
N THR A 48 4.10 5.47 1.14
CA THR A 48 3.45 5.35 2.45
C THR A 48 3.04 3.91 2.75
N PHE A 49 2.42 3.22 1.80
CA PHE A 49 2.12 1.79 1.95
C PHE A 49 3.37 1.01 2.35
N THR A 50 4.46 1.26 1.65
CA THR A 50 5.72 0.55 1.88
C THR A 50 6.22 0.85 3.30
N GLN A 51 6.14 2.11 3.70
CA GLN A 51 6.59 2.51 5.03
C GLN A 51 5.73 1.88 6.12
N GLU A 52 4.41 1.83 5.90
CA GLU A 52 3.54 1.30 6.93
C GLU A 52 3.73 -0.21 7.05
N ILE A 53 3.94 -0.90 5.94
CA ILE A 53 4.24 -2.32 6.02
C ILE A 53 5.56 -2.56 6.77
N GLU A 54 6.57 -1.75 6.48
CA GLU A 54 7.85 -1.87 7.19
C GLU A 54 7.67 -1.62 8.69
N ALA A 55 6.87 -0.62 9.04
CA ALA A 55 6.60 -0.33 10.44
C ALA A 55 5.85 -1.50 11.09
N LEU A 56 4.90 -2.09 10.37
CA LEU A 56 4.11 -3.18 10.94
C LEU A 56 4.94 -4.44 11.06
N GLN A 57 5.88 -4.64 10.14
CA GLN A 57 6.81 -5.75 10.24
C GLN A 57 7.74 -5.59 11.43
N ALA A 58 8.19 -4.37 11.68
CA ALA A 58 9.05 -4.11 12.83
C ALA A 58 8.29 -4.32 14.14
N GLU A 59 7.01 -3.96 14.15
CA GLU A 59 6.19 -4.11 15.35
C GLU A 59 5.97 -5.60 15.61
N ASN A 60 5.80 -6.34 14.52
CA ASN A 60 5.67 -7.79 14.59
C ASN A 60 6.90 -8.43 15.21
N ILE A 61 8.07 -8.01 14.72
CA ILE A 61 9.35 -8.46 15.25
C ILE A 61 9.47 -8.16 16.74
N ARG A 62 9.08 -6.95 17.13
CA ARG A 62 9.14 -6.54 18.54
C ARG A 62 8.35 -7.49 19.42
N LEU A 63 7.14 -7.83 18.99
CA LEU A 63 6.26 -8.66 19.81
C LEU A 63 6.75 -10.10 19.87
N VAL A 64 7.14 -10.62 18.72
CA VAL A 64 7.69 -11.98 18.66
C VAL A 64 8.92 -12.10 19.56
N GLN A 65 9.77 -11.09 19.55
CA GLN A 65 11.02 -11.13 20.32
C GLN A 65 10.75 -11.01 21.82
N GLU A 66 9.69 -10.30 22.20
CA GLU A 66 9.25 -10.29 23.59
C GLU A 66 8.80 -11.68 24.01
N LEU A 67 8.06 -12.35 23.15
CA LEU A 67 7.53 -13.68 23.46
C LEU A 67 8.64 -14.73 23.47
N ASP A 68 9.79 -14.40 22.89
CA ASP A 68 10.96 -15.27 22.99
C ASP A 68 11.38 -15.51 24.44
N ASN A 69 11.02 -14.58 25.32
CA ASN A 69 11.40 -14.68 26.73
C ASN A 69 10.29 -15.28 27.59
N ALA A 70 9.25 -15.80 26.96
CA ALA A 70 8.14 -16.39 27.72
C ALA A 70 8.43 -17.83 28.10
N PRO A 71 8.02 -18.22 29.31
N GLY B 1 -5.03 -0.06 33.30
CA GLY B 1 -5.60 0.26 32.00
C GLY B 1 -5.40 1.70 31.60
N SER B 2 -4.58 1.91 30.57
CA SER B 2 -4.30 3.25 30.05
C SER B 2 -3.87 3.15 28.59
N HIS B 3 -4.27 4.12 27.78
CA HIS B 3 -3.93 4.08 26.36
C HIS B 3 -3.51 5.44 25.79
N MET B 4 -2.66 5.39 24.78
CA MET B 4 -2.35 6.57 23.95
C MET B 4 -2.58 6.26 22.49
N THR B 5 -2.67 7.30 21.67
CA THR B 5 -2.93 7.12 20.25
C THR B 5 -1.99 7.97 19.38
N SER B 6 -1.79 7.53 18.16
CA SER B 6 -1.04 8.29 17.15
C SER B 6 -1.72 8.23 15.80
N GLU B 7 -1.25 9.09 14.89
CA GLU B 7 -1.70 9.09 13.50
C GLU B 7 -0.48 9.15 12.58
N GLN B 8 0.14 8.01 12.34
CA GLN B 8 1.50 8.01 11.78
C GLN B 8 1.58 8.23 10.28
N PHE B 9 0.55 7.82 9.54
CA PHE B 9 0.63 7.82 8.09
C PHE B 9 -0.55 8.53 7.46
N GLU B 10 -0.31 9.16 6.31
CA GLU B 10 -1.37 9.85 5.60
C GLU B 10 -1.44 9.31 4.18
N TYR B 11 -2.64 8.92 3.77
CA TYR B 11 -2.91 8.42 2.41
C TYR B 11 -3.73 9.42 1.62
N HIS B 12 -3.55 9.42 0.31
CA HIS B 12 -4.23 10.41 -0.53
C HIS B 12 -5.43 9.86 -1.29
N LEU B 13 -5.36 8.58 -1.68
CA LEU B 13 -6.36 7.97 -2.56
C LEU B 13 -6.78 6.59 -2.09
N THR B 14 -7.99 6.20 -2.51
CA THR B 14 -8.42 4.80 -2.44
C THR B 14 -8.34 4.13 -3.82
N GLY B 15 -8.34 2.81 -3.83
CA GLY B 15 -8.38 2.07 -5.07
C GLY B 15 -9.65 2.40 -5.83
N LYS B 16 -10.75 2.57 -5.10
CA LYS B 16 -12.03 2.90 -5.71
C LYS B 16 -11.96 4.23 -6.44
N GLU B 17 -11.30 5.22 -5.83
CA GLU B 17 -11.13 6.52 -6.48
C GLU B 17 -10.30 6.40 -7.74
N ILE B 18 -9.31 5.50 -7.73
CA ILE B 18 -8.46 5.35 -8.91
C ILE B 18 -9.23 4.63 -10.03
N LEU B 19 -10.05 3.65 -9.65
CA LEU B 19 -10.95 3.00 -10.62
C LEU B 19 -11.92 3.97 -11.26
N GLU B 20 -12.45 4.89 -10.46
CA GLU B 20 -13.54 5.73 -10.94
C GLU B 20 -13.11 7.06 -11.53
N LYS B 21 -11.85 7.44 -11.34
CA LYS B 21 -11.38 8.75 -11.79
C LYS B 21 -11.61 8.99 -13.28
N GLU B 22 -12.22 10.11 -13.62
CA GLU B 22 -12.41 10.48 -15.02
C GLU B 22 -11.55 11.68 -15.36
N PHE B 23 -10.60 11.50 -16.26
CA PHE B 23 -9.71 12.62 -16.60
C PHE B 23 -10.29 13.52 -17.67
N LYS B 24 -10.02 14.81 -17.54
CA LYS B 24 -10.31 15.76 -18.61
C LYS B 24 -9.51 15.37 -19.85
N THR B 25 -10.10 15.56 -21.02
CA THR B 25 -9.36 15.32 -22.26
C THR B 25 -8.91 16.61 -22.90
N GLY B 26 -7.96 16.49 -23.81
CA GLY B 26 -7.53 17.63 -24.59
C GLY B 26 -6.72 17.18 -25.79
N LEU B 27 -6.33 18.13 -26.62
CA LEU B 27 -5.42 17.85 -27.72
C LEU B 27 -4.10 17.32 -27.18
N ARG B 28 -3.60 16.26 -27.81
CA ARG B 28 -2.28 15.72 -27.53
C ARG B 28 -2.14 15.21 -26.12
N GLY B 29 -3.22 14.69 -25.59
CA GLY B 29 -3.14 14.10 -24.27
C GLY B 29 -2.53 12.72 -24.28
N TYR B 30 -2.33 12.18 -23.09
CA TYR B 30 -1.89 10.80 -22.92
C TYR B 30 -2.91 9.81 -23.47
N SER B 31 -2.41 8.76 -24.12
CA SER B 31 -3.28 7.70 -24.62
C SER B 31 -4.20 7.15 -23.54
N PRO B 32 -5.52 7.27 -23.71
CA PRO B 32 -6.42 6.75 -22.67
C PRO B 32 -6.23 5.26 -22.41
N GLU B 33 -6.00 4.49 -23.47
CA GLU B 33 -5.79 3.06 -23.35
C GLU B 33 -4.54 2.75 -22.53
N ASP B 34 -3.46 3.48 -22.79
CA ASP B 34 -2.19 3.33 -22.08
C ASP B 34 -2.32 3.68 -20.60
N VAL B 35 -2.95 4.82 -20.30
CA VAL B 35 -3.15 5.24 -18.92
C VAL B 35 -4.05 4.28 -18.17
N ASP B 36 -5.15 3.86 -18.79
CA ASP B 36 -6.08 2.93 -18.14
C ASP B 36 -5.43 1.59 -17.81
N GLU B 37 -4.66 1.04 -18.75
CA GLU B 37 -3.96 -0.22 -18.49
C GLU B 37 -2.99 -0.07 -17.32
N PHE B 38 -2.32 1.08 -17.27
CA PHE B 38 -1.36 1.35 -16.21
C PHE B 38 -2.05 1.46 -14.85
N LEU B 39 -3.13 2.24 -14.79
CA LEU B 39 -3.84 2.42 -13.54
C LEU B 39 -4.51 1.13 -13.08
N ASP B 40 -4.84 0.21 -13.99
CA ASP B 40 -5.37 -1.09 -13.58
C ASP B 40 -4.38 -1.83 -12.67
N MET B 41 -3.09 -1.75 -12.99
CA MET B 41 -2.06 -2.35 -12.15
C MET B 41 -2.01 -1.67 -10.79
N VAL B 42 -2.10 -0.34 -10.80
CA VAL B 42 -2.12 0.45 -9.56
C VAL B 42 -3.29 0.07 -8.67
N ILE B 43 -4.47 -0.06 -9.27
CA ILE B 43 -5.67 -0.45 -8.51
C ILE B 43 -5.47 -1.80 -7.83
N LYS B 44 -4.94 -2.76 -8.58
CA LYS B 44 -4.72 -4.08 -8.03
C LYS B 44 -3.66 -4.03 -6.92
N ASP B 45 -2.65 -3.19 -7.09
CA ASP B 45 -1.61 -3.05 -6.07
C ASP B 45 -2.14 -2.41 -4.78
N TYR B 46 -2.97 -1.38 -4.90
CA TYR B 46 -3.60 -0.77 -3.71
C TYR B 46 -4.37 -1.83 -2.91
N SER B 47 -5.11 -2.68 -3.61
CA SER B 47 -5.86 -3.74 -2.94
C SER B 47 -4.91 -4.72 -2.22
N THR B 48 -3.81 -5.08 -2.87
CA THR B 48 -2.84 -6.00 -2.27
C THR B 48 -2.14 -5.36 -1.06
N PHE B 49 -1.70 -4.11 -1.19
CA PHE B 49 -1.08 -3.36 -0.09
C PHE B 49 -2.03 -3.36 1.10
N THR B 50 -3.28 -3.03 0.82
CA THR B 50 -4.30 -2.88 1.84
C THR B 50 -4.50 -4.19 2.58
N GLN B 51 -4.52 -5.28 1.82
CA GLN B 51 -4.68 -6.62 2.38
C GLN B 51 -3.51 -6.99 3.27
N GLU B 52 -2.29 -6.69 2.80
CA GLU B 52 -1.08 -7.04 3.54
C GLU B 52 -1.04 -6.30 4.87
N ILE B 53 -1.42 -5.04 4.85
CA ILE B 53 -1.44 -4.23 6.05
C ILE B 53 -2.47 -4.74 7.04
N GLU B 54 -3.68 -5.01 6.56
CA GLU B 54 -4.73 -5.51 7.44
C GLU B 54 -4.38 -6.87 8.04
N ALA B 55 -3.70 -7.73 7.26
CA ALA B 55 -3.25 -9.01 7.78
C ALA B 55 -2.18 -8.87 8.86
N LEU B 56 -1.23 -7.97 8.65
CA LEU B 56 -0.21 -7.72 9.66
C LEU B 56 -0.83 -7.13 10.93
N GLN B 57 -1.79 -6.22 10.78
CA GLN B 57 -2.43 -5.63 11.96
C GLN B 57 -3.18 -6.68 12.78
N ALA B 58 -3.85 -7.61 12.12
CA ALA B 58 -4.55 -8.68 12.81
C ALA B 58 -3.58 -9.61 13.54
N GLU B 59 -2.48 -9.93 12.88
CA GLU B 59 -1.46 -10.76 13.48
C GLU B 59 -0.88 -10.09 14.72
N ASN B 60 -0.56 -8.81 14.62
CA ASN B 60 0.02 -8.11 15.77
C ASN B 60 -0.94 -8.08 16.96
N ILE B 61 -2.24 -7.92 16.69
CA ILE B 61 -3.22 -7.92 17.78
C ILE B 61 -3.28 -9.28 18.47
N ARG B 62 -3.19 -10.35 17.68
CA ARG B 62 -3.08 -11.69 18.26
C ARG B 62 -1.84 -11.82 19.16
N LEU B 63 -0.73 -11.23 18.72
CA LEU B 63 0.49 -11.36 19.47
C LEU B 63 0.43 -10.57 20.77
N VAL B 64 -0.19 -9.38 20.74
CA VAL B 64 -0.32 -8.57 21.95
C VAL B 64 -1.20 -9.29 22.98
N GLN B 65 -2.24 -9.96 22.50
CA GLN B 65 -3.11 -10.75 23.38
C GLN B 65 -2.33 -11.87 24.05
N GLU B 66 -1.48 -12.53 23.26
CA GLU B 66 -0.62 -13.59 23.78
C GLU B 66 0.34 -13.02 24.83
N LEU B 67 0.91 -11.85 24.55
CA LEU B 67 1.87 -11.22 25.46
C LEU B 67 1.24 -10.75 26.77
N ASP B 68 0.01 -10.26 26.70
CA ASP B 68 -0.71 -9.82 27.91
C ASP B 68 -0.76 -10.92 28.95
N ASN B 69 -0.92 -12.14 28.48
CA ASN B 69 -1.11 -13.27 29.39
C ASN B 69 0.18 -13.98 29.77
N ALA B 70 1.29 -13.60 29.14
CA ALA B 70 2.56 -14.32 29.28
C ALA B 70 3.43 -13.87 30.45
N PRO B 71 3.86 -14.80 31.30
CA PRO B 71 4.87 -14.44 32.29
C PRO B 71 6.24 -14.30 31.63
N LEU B 72 7.06 -13.36 32.08
CA LEU B 72 8.38 -13.17 31.49
C LEU B 72 9.51 -13.49 32.47
N ARG B 73 9.46 -12.90 33.66
CA ARG B 73 10.46 -13.18 34.69
C ARG B 73 10.26 -14.58 35.26
N THR B 74 11.35 -15.19 35.73
NI NI C . 5.68 -29.63 14.07
N1 IMD D . 4.05 -29.22 12.86
C2 IMD D . 4.01 -29.35 11.51
N3 IMD D . 2.80 -28.92 11.07
C4 IMD D . 2.08 -28.53 12.14
C5 IMD D . 2.87 -28.72 13.26
N1 IMD E . 9.58 -21.28 12.63
C2 IMD E . 8.51 -21.94 13.09
N3 IMD E . 8.09 -21.36 14.24
C4 IMD E . 8.91 -20.32 14.49
C5 IMD E . 9.85 -20.26 13.48
N1 IMD F . 12.17 -15.20 15.53
C2 IMD F . 12.20 -14.94 16.86
N3 IMD F . 11.57 -15.95 17.51
C4 IMD F . 11.14 -16.84 16.60
C5 IMD F . 11.52 -16.36 15.34
#